data_4I2I
#
_entry.id   4I2I
#
_cell.length_a   46.750
_cell.length_b   84.100
_cell.length_c   103.890
_cell.angle_alpha   90.00
_cell.angle_beta   90.00
_cell.angle_gamma   90.00
#
_symmetry.space_group_name_H-M   'P 21 21 21'
#
loop_
_entity.id
_entity.type
_entity.pdbx_description
1 polymer 'DNA nucleotidylexotransferase'
2 non-polymer "BIS(ADENOSINE)-5'-PENTAPHOSPHATE"
3 non-polymer 'ZINC ION'
4 non-polymer 'MAGNESIUM ION'
5 water water
#
_entity_poly.entity_id   1
_entity_poly.type   'polypeptide(L)'
_entity_poly.pdbx_seq_one_letter_code
;MGSSHHHHHHSSGLVPRGSHMSPSPVPGSQNVPAPAVKKISQYACQRRTTLNNYNQLFTDALDILAENDELRENEGSCLA
FMRASSVLKSLPFPITSMKDTEGIPCLGDKVKSIIEGIIEDGESSEAKAVLNDERYKSFKLFTSVFGVGLKTAEKWFRMG
FRTLSKIQSDKSLRFTQMQKAGFLYYEDLVSCVNRPEAEAVSMLVKEAVVTFLPDALVTMTGGFRRGKMTGHDVDFLITS
PEATEDEEQQLLHKVTDFWKQQGLLLYCDILESTFEKFKQPSRKVDALDHFQKCFLILKLDHGRVHSEKSGQQEGKGWKA
IRVDLVMCPYDRRAFALLGWTGSRQFERDLRRYATHERKMMLDNHALYDRTKRVFLEAESEEEIFAHLGLDYIEPWERNA
;
_entity_poly.pdbx_strand_id   A
#
loop_
_chem_comp.id
_chem_comp.type
_chem_comp.name
_chem_comp.formula
AP5 non-polymer BIS(ADENOSINE)-5'-PENTAPHOSPHATE 'C20 H29 N10 O22 P5'
MG non-polymer 'MAGNESIUM ION' 'Mg 2'
ZN non-polymer 'ZINC ION' 'Zn 2'
#
# COMPACT_ATOMS: atom_id res chain seq x y z
N LYS A 38 -2.21 -28.38 -11.70
CA LYS A 38 -2.33 -28.08 -10.27
C LYS A 38 -3.41 -27.03 -10.00
N LYS A 39 -4.35 -27.36 -9.11
CA LYS A 39 -5.44 -26.50 -8.69
C LYS A 39 -4.89 -25.22 -8.03
N ILE A 40 -5.60 -24.11 -8.21
CA ILE A 40 -5.22 -22.80 -7.70
C ILE A 40 -5.79 -22.63 -6.28
N SER A 41 -4.92 -22.28 -5.31
CA SER A 41 -5.35 -22.07 -3.93
C SER A 41 -6.25 -20.83 -3.80
N GLN A 42 -7.20 -20.88 -2.85
CA GLN A 42 -8.10 -19.77 -2.52
C GLN A 42 -7.32 -18.69 -1.72
N TYR A 43 -6.09 -19.02 -1.25
CA TYR A 43 -5.26 -18.12 -0.46
C TYR A 43 -4.15 -17.50 -1.31
N ALA A 44 -4.05 -16.15 -1.31
CA ALA A 44 -3.02 -15.36 -2.00
C ALA A 44 -1.61 -15.75 -1.55
N CYS A 45 -1.45 -16.14 -0.26
CA CYS A 45 -0.19 -16.59 0.30
C CYS A 45 0.21 -17.97 -0.23
N GLN A 46 -0.67 -18.64 -1.00
CA GLN A 46 -0.34 -19.92 -1.63
C GLN A 46 -0.28 -19.79 -3.16
N ARG A 47 -0.23 -18.55 -3.66
CA ARG A 47 -0.12 -18.26 -5.09
C ARG A 47 1.06 -17.31 -5.27
N ARG A 48 1.64 -17.32 -6.46
CA ARG A 48 2.74 -16.40 -6.80
C ARG A 48 2.08 -15.34 -7.69
N THR A 49 2.11 -14.08 -7.23
CA THR A 49 1.45 -12.98 -7.92
C THR A 49 2.47 -11.92 -8.28
N THR A 50 2.89 -11.97 -9.54
CA THR A 50 3.88 -11.06 -10.09
C THR A 50 3.17 -9.86 -10.77
N LEU A 51 3.92 -8.82 -11.15
CA LEU A 51 3.29 -7.67 -11.83
C LEU A 51 2.91 -7.97 -13.32
N ASN A 52 3.15 -9.21 -13.81
CA ASN A 52 2.81 -9.68 -15.17
C ASN A 52 1.38 -10.17 -15.18
N ASN A 53 0.46 -9.21 -15.09
CA ASN A 53 -0.98 -9.42 -15.09
C ASN A 53 -1.55 -9.56 -16.51
N TYR A 54 -2.01 -10.78 -16.87
CA TYR A 54 -2.62 -11.08 -18.18
C TYR A 54 -4.13 -10.74 -18.25
N ASN A 55 -4.68 -10.28 -17.12
CA ASN A 55 -6.11 -10.04 -16.93
C ASN A 55 -6.46 -8.63 -16.42
N GLN A 56 -5.67 -7.62 -16.80
CA GLN A 56 -5.89 -6.23 -16.38
C GLN A 56 -7.23 -5.62 -16.73
N LEU A 57 -7.83 -6.06 -17.85
CA LEU A 57 -9.19 -5.65 -18.24
C LEU A 57 -10.21 -6.03 -17.15
N PHE A 58 -10.10 -7.26 -16.61
CA PHE A 58 -10.97 -7.75 -15.55
C PHE A 58 -10.64 -7.15 -14.21
N THR A 59 -9.37 -7.13 -13.84
CA THR A 59 -8.85 -6.66 -12.55
C THR A 59 -9.14 -5.18 -12.30
N ASP A 60 -8.95 -4.32 -13.34
CA ASP A 60 -9.21 -2.88 -13.23
C ASP A 60 -10.69 -2.64 -12.94
N ALA A 61 -11.60 -3.41 -13.56
CA ALA A 61 -13.05 -3.29 -13.32
C ALA A 61 -13.41 -3.76 -11.91
N LEU A 62 -12.87 -4.91 -11.48
CA LEU A 62 -13.14 -5.41 -10.14
C LEU A 62 -12.63 -4.44 -9.06
N ASP A 63 -11.44 -3.89 -9.30
CA ASP A 63 -10.80 -2.96 -8.37
C ASP A 63 -11.66 -1.70 -8.23
N ILE A 64 -12.28 -1.22 -9.33
CA ILE A 64 -13.19 -0.05 -9.33
C ILE A 64 -14.42 -0.37 -8.45
N LEU A 65 -15.00 -1.56 -8.64
CA LEU A 65 -16.16 -2.03 -7.90
C LEU A 65 -15.85 -2.25 -6.42
N ALA A 66 -14.68 -2.83 -6.11
CA ALA A 66 -14.27 -3.06 -4.72
C ALA A 66 -14.02 -1.71 -4.01
N GLU A 67 -13.39 -0.75 -4.69
CA GLU A 67 -13.06 0.57 -4.14
C GLU A 67 -14.27 1.45 -3.93
N ASN A 68 -15.34 1.27 -4.73
CA ASN A 68 -16.48 2.18 -4.70
C ASN A 68 -17.81 1.59 -4.27
N ASP A 69 -17.89 1.09 -3.05
CA ASP A 69 -19.08 0.43 -2.51
C ASP A 69 -20.34 1.28 -2.51
N GLU A 70 -20.16 2.56 -2.14
CA GLU A 70 -21.18 3.59 -2.05
C GLU A 70 -21.74 3.92 -3.42
N LEU A 71 -20.86 4.10 -4.40
CA LEU A 71 -21.18 4.49 -5.78
C LEU A 71 -21.72 3.31 -6.60
N ARG A 72 -21.48 2.07 -6.13
CA ARG A 72 -21.94 0.83 -6.79
C ARG A 72 -23.45 0.63 -6.80
N GLU A 73 -23.94 0.02 -7.88
CA GLU A 73 -25.36 -0.30 -8.05
C GLU A 73 -25.64 -1.81 -8.22
N ASN A 74 -24.57 -2.64 -8.24
CA ASN A 74 -24.68 -4.09 -8.43
C ASN A 74 -24.48 -4.90 -7.14
N GLU A 75 -25.28 -5.96 -6.96
CA GLU A 75 -25.19 -6.89 -5.84
C GLU A 75 -23.89 -7.70 -5.95
N GLY A 76 -23.20 -7.79 -4.84
CA GLY A 76 -21.92 -8.47 -4.69
C GLY A 76 -21.19 -7.83 -3.53
N SER A 77 -20.26 -8.55 -2.89
CA SER A 77 -19.53 -7.96 -1.75
C SER A 77 -18.19 -7.39 -2.18
N CYS A 78 -17.66 -6.35 -1.49
CA CYS A 78 -16.34 -5.80 -1.85
C CYS A 78 -15.25 -6.85 -1.61
N LEU A 79 -15.41 -7.72 -0.58
CA LEU A 79 -14.51 -8.82 -0.27
C LEU A 79 -14.47 -9.83 -1.43
N ALA A 80 -15.64 -10.16 -2.01
CA ALA A 80 -15.75 -11.05 -3.17
C ALA A 80 -15.02 -10.45 -4.39
N PHE A 81 -15.15 -9.12 -4.66
CA PHE A 81 -14.47 -8.43 -5.77
C PHE A 81 -12.96 -8.45 -5.57
N MET A 82 -12.51 -8.19 -4.34
CA MET A 82 -11.10 -8.17 -3.99
C MET A 82 -10.41 -9.52 -4.18
N ARG A 83 -11.05 -10.61 -3.70
CA ARG A 83 -10.51 -11.96 -3.81
C ARG A 83 -10.50 -12.44 -5.24
N ALA A 84 -11.53 -12.09 -6.03
CA ALA A 84 -11.62 -12.45 -7.44
C ALA A 84 -10.56 -11.66 -8.22
N SER A 85 -10.39 -10.36 -7.96
CA SER A 85 -9.37 -9.57 -8.62
C SER A 85 -7.98 -10.19 -8.33
N SER A 86 -7.74 -10.57 -7.07
CA SER A 86 -6.50 -11.19 -6.59
C SER A 86 -6.17 -12.51 -7.30
N VAL A 87 -7.14 -13.46 -7.43
CA VAL A 87 -6.93 -14.75 -8.12
C VAL A 87 -6.59 -14.50 -9.58
N LEU A 88 -7.29 -13.57 -10.24
CA LEU A 88 -7.07 -13.25 -11.66
C LEU A 88 -5.68 -12.72 -11.93
N LYS A 89 -5.15 -11.94 -10.97
CA LYS A 89 -3.80 -11.38 -11.02
C LYS A 89 -2.74 -12.48 -11.03
N SER A 90 -3.02 -13.62 -10.37
CA SER A 90 -2.09 -14.75 -10.25
C SER A 90 -2.03 -15.65 -11.50
N LEU A 91 -3.05 -15.58 -12.38
CA LEU A 91 -3.13 -16.43 -13.57
C LEU A 91 -2.02 -16.23 -14.56
N PRO A 92 -1.48 -17.36 -15.10
CA PRO A 92 -0.40 -17.26 -16.11
C PRO A 92 -0.94 -17.13 -17.54
N PHE A 93 -2.24 -16.86 -17.68
CA PHE A 93 -2.89 -16.73 -18.98
C PHE A 93 -4.09 -15.76 -18.93
N PRO A 94 -4.46 -15.11 -20.05
CA PRO A 94 -5.64 -14.23 -20.02
C PRO A 94 -6.94 -15.04 -20.13
N ILE A 95 -7.99 -14.60 -19.42
CA ILE A 95 -9.31 -15.22 -19.55
C ILE A 95 -9.85 -14.72 -20.90
N THR A 96 -10.22 -15.63 -21.81
CA THR A 96 -10.75 -15.25 -23.12
C THR A 96 -12.15 -15.82 -23.36
N SER A 97 -12.64 -16.67 -22.45
CA SER A 97 -13.97 -17.25 -22.52
C SER A 97 -14.42 -17.66 -21.13
N MET A 98 -15.72 -17.90 -20.95
CA MET A 98 -16.27 -18.33 -19.68
C MET A 98 -15.80 -19.71 -19.26
N LYS A 99 -15.43 -20.57 -20.24
CA LYS A 99 -14.89 -21.90 -19.98
C LYS A 99 -13.54 -21.83 -19.24
N ASP A 100 -12.75 -20.74 -19.46
CA ASP A 100 -11.45 -20.53 -18.80
C ASP A 100 -11.60 -20.32 -17.30
N THR A 101 -12.78 -19.94 -16.83
CA THR A 101 -13.12 -19.66 -15.43
C THR A 101 -13.33 -20.95 -14.60
N GLU A 102 -13.50 -22.11 -15.26
CA GLU A 102 -13.70 -23.43 -14.65
C GLU A 102 -12.47 -23.87 -13.85
N GLY A 103 -12.68 -24.24 -12.59
CA GLY A 103 -11.58 -24.67 -11.72
C GLY A 103 -10.87 -23.54 -11.01
N ILE A 104 -11.31 -22.29 -11.27
CA ILE A 104 -10.73 -21.13 -10.61
C ILE A 104 -11.58 -20.82 -9.36
N PRO A 105 -10.96 -20.77 -8.16
CA PRO A 105 -11.74 -20.44 -6.96
C PRO A 105 -12.02 -18.95 -6.91
N CYS A 106 -12.90 -18.54 -5.97
CA CYS A 106 -13.23 -17.14 -5.67
C CYS A 106 -13.93 -16.40 -6.80
N LEU A 107 -14.56 -17.12 -7.71
CA LEU A 107 -15.30 -16.50 -8.80
C LEU A 107 -16.75 -16.85 -8.57
N GLY A 108 -17.45 -16.04 -7.79
CA GLY A 108 -18.87 -16.27 -7.51
C GLY A 108 -19.76 -15.93 -8.70
N ASP A 109 -21.09 -16.08 -8.55
CA ASP A 109 -22.04 -15.81 -9.63
C ASP A 109 -22.02 -14.34 -10.08
N LYS A 110 -21.90 -13.41 -9.10
CA LYS A 110 -21.84 -11.96 -9.37
C LYS A 110 -20.55 -11.60 -10.11
N VAL A 111 -19.40 -12.19 -9.69
CA VAL A 111 -18.12 -11.95 -10.35
C VAL A 111 -18.12 -12.48 -11.79
N LYS A 112 -18.67 -13.69 -12.00
CA LYS A 112 -18.78 -14.31 -13.32
C LYS A 112 -19.62 -13.52 -14.31
N SER A 113 -20.63 -12.78 -13.83
CA SER A 113 -21.44 -11.92 -14.69
C SER A 113 -20.63 -10.72 -15.15
N ILE A 114 -19.72 -10.21 -14.30
CA ILE A 114 -18.83 -9.08 -14.62
C ILE A 114 -17.78 -9.53 -15.64
N ILE A 115 -17.18 -10.73 -15.44
CA ILE A 115 -16.22 -11.33 -16.37
C ILE A 115 -16.92 -11.48 -17.73
N GLU A 116 -18.15 -12.05 -17.75
CA GLU A 116 -18.96 -12.24 -18.95
C GLU A 116 -19.15 -10.95 -19.73
N GLY A 117 -19.54 -9.88 -19.04
CA GLY A 117 -19.75 -8.58 -19.66
C GLY A 117 -18.50 -8.00 -20.29
N ILE A 118 -17.34 -8.24 -19.66
CA ILE A 118 -16.06 -7.73 -20.16
C ILE A 118 -15.62 -8.52 -21.42
N ILE A 119 -15.81 -9.86 -21.43
CA ILE A 119 -15.50 -10.72 -22.58
C ILE A 119 -16.31 -10.25 -23.79
N GLU A 120 -17.59 -9.91 -23.54
CA GLU A 120 -18.60 -9.47 -24.50
C GLU A 120 -18.20 -8.22 -25.32
N ASP A 121 -17.68 -7.14 -24.68
CA ASP A 121 -17.28 -5.93 -25.43
C ASP A 121 -16.03 -5.20 -24.92
N GLY A 122 -15.29 -5.83 -24.01
CA GLY A 122 -14.07 -5.25 -23.45
C GLY A 122 -14.25 -4.22 -22.36
N GLU A 123 -15.51 -3.99 -21.92
CA GLU A 123 -15.82 -3.04 -20.85
C GLU A 123 -16.86 -3.61 -19.89
N SER A 124 -16.88 -3.12 -18.66
CA SER A 124 -17.80 -3.57 -17.63
C SER A 124 -18.88 -2.52 -17.45
N SER A 125 -20.17 -2.88 -17.70
CA SER A 125 -21.26 -1.91 -17.52
C SER A 125 -21.36 -1.45 -16.03
N GLU A 126 -21.08 -2.37 -15.08
CA GLU A 126 -21.07 -2.13 -13.64
C GLU A 126 -19.98 -1.13 -13.23
N ALA A 127 -18.72 -1.33 -13.72
CA ALA A 127 -17.60 -0.43 -13.42
C ALA A 127 -17.84 0.94 -14.07
N LYS A 128 -18.41 0.94 -15.28
CA LYS A 128 -18.72 2.13 -16.07
C LYS A 128 -19.78 2.98 -15.37
N ALA A 129 -20.79 2.35 -14.70
CA ALA A 129 -21.79 3.06 -13.93
C ALA A 129 -21.15 3.75 -12.70
N VAL A 130 -20.11 3.12 -12.09
CA VAL A 130 -19.37 3.73 -10.97
C VAL A 130 -18.60 4.97 -11.52
N LEU A 131 -17.89 4.80 -12.64
CA LEU A 131 -17.13 5.86 -13.29
C LEU A 131 -18.01 7.04 -13.75
N ASN A 132 -19.29 6.78 -14.06
CA ASN A 132 -20.27 7.79 -14.47
C ASN A 132 -21.15 8.28 -13.31
N ASP A 133 -20.94 7.74 -12.10
CA ASP A 133 -21.69 8.18 -10.92
C ASP A 133 -21.27 9.65 -10.65
N GLU A 134 -22.24 10.50 -10.30
CA GLU A 134 -22.00 11.93 -10.06
C GLU A 134 -20.94 12.24 -8.97
N ARG A 135 -20.92 11.41 -7.91
CA ARG A 135 -19.99 11.55 -6.79
C ARG A 135 -18.63 11.03 -7.11
N TYR A 136 -18.51 10.02 -8.02
CA TYR A 136 -17.22 9.36 -8.28
C TYR A 136 -16.06 10.30 -8.55
N LYS A 137 -16.19 11.14 -9.58
CA LYS A 137 -15.17 12.11 -9.98
C LYS A 137 -14.72 12.98 -8.83
N SER A 138 -15.67 13.53 -8.03
CA SER A 138 -15.41 14.37 -6.86
C SER A 138 -14.72 13.61 -5.76
N PHE A 139 -15.16 12.38 -5.48
CA PHE A 139 -14.54 11.59 -4.43
C PHE A 139 -13.09 11.23 -4.77
N LYS A 140 -12.81 10.84 -6.03
CA LYS A 140 -11.45 10.53 -6.48
C LYS A 140 -10.57 11.76 -6.38
N LEU A 141 -11.10 12.91 -6.82
CA LEU A 141 -10.43 14.19 -6.82
C LEU A 141 -10.12 14.65 -5.41
N PHE A 142 -11.11 14.68 -4.52
CA PHE A 142 -10.91 15.14 -3.15
C PHE A 142 -9.98 14.26 -2.33
N THR A 143 -10.12 12.93 -2.44
CA THR A 143 -9.27 11.99 -1.69
C THR A 143 -7.84 11.92 -2.22
N SER A 144 -7.58 12.46 -3.42
CA SER A 144 -6.22 12.49 -4.00
C SER A 144 -5.35 13.54 -3.23
N VAL A 145 -6.00 14.39 -2.36
CA VAL A 145 -5.32 15.38 -1.51
C VAL A 145 -4.89 14.67 -0.23
N PHE A 146 -3.60 14.79 0.14
CA PHE A 146 -3.05 14.21 1.38
C PHE A 146 -3.76 14.89 2.56
N GLY A 147 -4.33 14.08 3.44
CA GLY A 147 -5.07 14.52 4.61
C GLY A 147 -6.57 14.47 4.41
N VAL A 148 -7.03 14.09 3.19
CA VAL A 148 -8.47 14.03 2.86
C VAL A 148 -8.93 12.59 2.63
N GLY A 149 -9.82 12.12 3.50
CA GLY A 149 -10.41 10.78 3.43
C GLY A 149 -11.85 10.82 2.96
N LEU A 150 -12.57 9.69 3.05
CA LEU A 150 -13.98 9.59 2.61
C LEU A 150 -14.93 10.56 3.31
N LYS A 151 -14.76 10.78 4.64
CA LYS A 151 -15.62 11.67 5.44
C LYS A 151 -15.55 13.13 4.98
N THR A 152 -14.32 13.68 4.81
CA THR A 152 -14.11 15.05 4.32
C THR A 152 -14.56 15.22 2.88
N ALA A 153 -14.24 14.24 1.99
CA ALA A 153 -14.64 14.27 0.58
C ALA A 153 -16.18 14.40 0.46
N GLU A 154 -16.90 13.65 1.29
CA GLU A 154 -18.36 13.59 1.40
C GLU A 154 -18.90 14.92 1.92
N LYS A 155 -18.28 15.49 2.97
CA LYS A 155 -18.65 16.79 3.54
C LYS A 155 -18.59 17.89 2.43
N TRP A 156 -17.49 17.92 1.66
CA TRP A 156 -17.30 18.89 0.59
C TRP A 156 -18.26 18.69 -0.56
N PHE A 157 -18.50 17.44 -0.98
CA PHE A 157 -19.44 17.15 -2.04
C PHE A 157 -20.87 17.64 -1.67
N ARG A 158 -21.31 17.38 -0.42
CA ARG A 158 -22.64 17.78 0.10
C ARG A 158 -22.77 19.29 0.33
N MET A 159 -21.64 20.00 0.30
CA MET A 159 -21.57 21.45 0.39
C MET A 159 -21.66 22.06 -1.02
N GLY A 160 -21.57 21.22 -2.06
CA GLY A 160 -21.67 21.65 -3.46
C GLY A 160 -20.35 21.83 -4.18
N PHE A 161 -19.23 21.48 -3.53
CA PHE A 161 -17.91 21.60 -4.15
C PHE A 161 -17.68 20.45 -5.14
N ARG A 162 -17.03 20.74 -6.28
CA ARG A 162 -16.73 19.73 -7.29
C ARG A 162 -15.27 19.81 -7.74
N THR A 163 -14.57 20.92 -7.44
CA THR A 163 -13.17 21.14 -7.86
C THR A 163 -12.29 21.56 -6.68
N LEU A 164 -11.01 21.23 -6.76
CA LEU A 164 -10.05 21.64 -5.74
C LEU A 164 -9.89 23.17 -5.70
N SER A 165 -9.86 23.80 -6.87
CA SER A 165 -9.71 25.25 -6.96
C SER A 165 -10.75 25.98 -6.07
N LYS A 166 -12.01 25.52 -6.12
CA LYS A 166 -13.10 26.08 -5.32
C LYS A 166 -12.96 25.81 -3.84
N ILE A 167 -12.42 24.64 -3.48
CA ILE A 167 -12.18 24.25 -2.09
C ILE A 167 -11.07 25.12 -1.47
N GLN A 168 -9.89 25.17 -2.15
CA GLN A 168 -8.71 25.93 -1.71
C GLN A 168 -8.95 27.41 -1.54
N SER A 169 -9.79 27.99 -2.40
CA SER A 169 -10.05 29.43 -2.38
C SER A 169 -11.20 29.82 -1.47
N ASP A 170 -11.94 28.83 -0.94
CA ASP A 170 -13.08 29.11 -0.06
C ASP A 170 -12.65 29.72 1.26
N LYS A 171 -13.38 30.75 1.70
CA LYS A 171 -13.10 31.54 2.90
C LYS A 171 -13.67 30.97 4.21
N SER A 172 -14.67 30.08 4.11
CA SER A 172 -15.32 29.51 5.28
C SER A 172 -14.74 28.17 5.71
N LEU A 173 -14.15 27.43 4.78
CA LEU A 173 -13.56 26.12 5.07
C LEU A 173 -12.36 26.20 6.00
N ARG A 174 -12.22 25.18 6.86
CA ARG A 174 -11.13 25.03 7.82
C ARG A 174 -10.39 23.76 7.46
N PHE A 175 -9.06 23.88 7.35
CA PHE A 175 -8.22 22.75 6.97
C PHE A 175 -7.34 22.28 8.09
N THR A 176 -7.12 20.96 8.15
CA THR A 176 -6.18 20.40 9.11
C THR A 176 -4.78 20.75 8.56
N GLN A 177 -3.74 20.68 9.40
CA GLN A 177 -2.37 20.97 8.96
C GLN A 177 -1.92 19.98 7.88
N MET A 178 -2.41 18.72 7.93
CA MET A 178 -2.14 17.67 6.94
C MET A 178 -2.73 18.08 5.58
N GLN A 179 -3.97 18.58 5.58
CA GLN A 179 -4.65 19.05 4.37
C GLN A 179 -3.98 20.28 3.77
N LYS A 180 -3.46 21.18 4.61
CA LYS A 180 -2.72 22.38 4.14
C LYS A 180 -1.46 21.96 3.36
N ALA A 181 -0.75 20.93 3.85
CA ALA A 181 0.45 20.37 3.20
C ALA A 181 0.02 19.65 1.91
N GLY A 182 -1.09 18.93 1.98
CA GLY A 182 -1.71 18.25 0.84
C GLY A 182 -2.01 19.21 -0.30
N PHE A 183 -2.55 20.38 0.03
CA PHE A 183 -2.85 21.43 -0.95
C PHE A 183 -1.62 22.19 -1.42
N LEU A 184 -0.70 22.51 -0.50
CA LEU A 184 0.53 23.24 -0.85
C LEU A 184 1.42 22.48 -1.83
N TYR A 185 1.55 21.16 -1.66
CA TYR A 185 2.43 20.31 -2.46
C TYR A 185 1.68 19.38 -3.40
N TYR A 186 0.40 19.67 -3.63
CA TYR A 186 -0.50 18.87 -4.48
C TYR A 186 0.07 18.29 -5.78
N GLU A 187 0.59 19.12 -6.66
CA GLU A 187 1.11 18.73 -7.98
C GLU A 187 2.21 17.68 -7.91
N ASP A 188 3.13 17.86 -6.95
CA ASP A 188 4.23 16.94 -6.68
C ASP A 188 3.71 15.65 -6.12
N LEU A 189 2.80 15.72 -5.14
CA LEU A 189 2.22 14.53 -4.50
C LEU A 189 1.33 13.72 -5.40
N VAL A 190 0.60 14.37 -6.32
CA VAL A 190 -0.23 13.67 -7.28
C VAL A 190 0.60 13.00 -8.42
N SER A 191 1.82 13.45 -8.63
CA SER A 191 2.74 12.81 -9.54
C SER A 191 3.28 11.65 -8.78
N CYS A 192 3.20 10.48 -9.27
CA CYS A 192 3.67 9.42 -8.41
C CYS A 192 5.20 9.31 -8.35
N VAL A 193 5.74 8.87 -7.23
CA VAL A 193 7.16 8.70 -7.03
C VAL A 193 7.67 7.59 -7.90
N ASN A 194 8.82 7.76 -8.54
CA ASN A 194 9.40 6.70 -9.37
C ASN A 194 10.62 6.11 -8.64
N ARG A 195 11.20 5.00 -9.14
CA ARG A 195 12.34 4.32 -8.52
C ARG A 195 13.59 5.18 -8.35
N PRO A 196 14.09 5.97 -9.35
CA PRO A 196 15.24 6.84 -9.07
C PRO A 196 14.99 7.80 -7.90
N GLU A 197 13.74 8.28 -7.74
CA GLU A 197 13.33 9.17 -6.64
C GLU A 197 13.27 8.41 -5.32
N ALA A 198 12.70 7.18 -5.32
CA ALA A 198 12.64 6.33 -4.12
C ALA A 198 14.08 6.05 -3.61
N GLU A 199 15.02 5.81 -4.55
CA GLU A 199 16.41 5.51 -4.21
C GLU A 199 17.13 6.72 -3.64
N ALA A 200 16.83 7.92 -4.20
CA ALA A 200 17.40 9.18 -3.74
C ALA A 200 16.91 9.48 -2.32
N VAL A 201 15.62 9.14 -2.02
CA VAL A 201 15.05 9.28 -0.69
C VAL A 201 15.75 8.31 0.26
N SER A 202 15.98 7.06 -0.18
CA SER A 202 16.67 6.04 0.61
C SER A 202 18.00 6.54 1.10
N MET A 203 18.78 7.22 0.21
CA MET A 203 20.09 7.82 0.56
C MET A 203 19.98 8.88 1.65
N LEU A 204 18.96 9.74 1.55
CA LEU A 204 18.66 10.78 2.54
C LEU A 204 18.30 10.16 3.89
N VAL A 205 17.42 9.14 3.90
CA VAL A 205 16.99 8.41 5.09
C VAL A 205 18.21 7.77 5.76
N LYS A 206 19.02 7.04 4.99
CA LYS A 206 20.22 6.36 5.49
C LYS A 206 21.23 7.30 6.12
N GLU A 207 21.50 8.45 5.49
CA GLU A 207 22.44 9.47 6.00
C GLU A 207 21.97 10.10 7.30
N ALA A 208 20.66 10.31 7.44
CA ALA A 208 20.06 10.87 8.63
C ALA A 208 20.07 9.86 9.78
N VAL A 209 19.62 8.62 9.51
CA VAL A 209 19.56 7.55 10.49
C VAL A 209 20.95 7.16 11.03
N VAL A 210 21.97 7.02 10.14
CA VAL A 210 23.36 6.66 10.48
C VAL A 210 24.04 7.69 11.42
N THR A 211 23.63 8.95 11.31
CA THR A 211 24.08 10.07 12.14
C THR A 211 23.81 9.76 13.64
N PHE A 212 22.63 9.20 13.96
CA PHE A 212 22.24 8.90 15.34
C PHE A 212 22.44 7.44 15.75
N LEU A 213 22.26 6.48 14.81
CA LEU A 213 22.45 5.04 15.03
C LEU A 213 23.36 4.47 13.93
N PRO A 214 24.70 4.51 14.08
CA PRO A 214 25.58 4.00 13.00
C PRO A 214 25.41 2.55 12.58
N ASP A 215 24.85 1.70 13.47
CA ASP A 215 24.62 0.28 13.17
C ASP A 215 23.22 0.00 12.58
N ALA A 216 22.41 1.04 12.34
CA ALA A 216 21.04 0.86 11.85
C ALA A 216 20.91 0.27 10.45
N LEU A 217 19.89 -0.61 10.29
CA LEU A 217 19.55 -1.22 9.01
C LEU A 217 18.33 -0.47 8.52
N VAL A 218 18.41 0.01 7.31
CA VAL A 218 17.31 0.75 6.67
C VAL A 218 16.90 -0.02 5.40
N THR A 219 15.61 -0.42 5.34
CA THR A 219 15.07 -1.22 4.25
C THR A 219 13.86 -0.54 3.67
N MET A 220 13.86 -0.35 2.36
CA MET A 220 12.72 0.18 1.64
C MET A 220 11.66 -0.94 1.59
N THR A 221 10.42 -0.65 2.01
CA THR A 221 9.34 -1.61 2.02
C THR A 221 8.24 -1.20 1.00
N GLY A 222 6.99 -1.63 1.24
CA GLY A 222 5.85 -1.34 0.38
C GLY A 222 5.99 -1.82 -1.06
N GLY A 223 5.29 -1.13 -1.96
CA GLY A 223 5.27 -1.42 -3.39
C GLY A 223 6.62 -1.52 -4.08
N PHE A 224 7.57 -0.60 -3.77
CA PHE A 224 8.91 -0.65 -4.37
C PHE A 224 9.63 -1.96 -4.08
N ARG A 225 9.46 -2.50 -2.86
CA ARG A 225 10.07 -3.78 -2.51
C ARG A 225 9.43 -4.96 -3.31
N ARG A 226 8.16 -4.82 -3.74
CA ARG A 226 7.44 -5.83 -4.53
C ARG A 226 7.70 -5.71 -6.05
N GLY A 227 8.62 -4.84 -6.45
CA GLY A 227 8.98 -4.63 -7.86
C GLY A 227 8.24 -3.53 -8.61
N LYS A 228 7.37 -2.74 -7.93
CA LYS A 228 6.66 -1.64 -8.58
C LYS A 228 7.59 -0.52 -9.09
N MET A 229 7.25 0.08 -10.23
CA MET A 229 8.06 1.14 -10.78
C MET A 229 7.65 2.50 -10.26
N THR A 230 6.42 2.58 -9.71
CA THR A 230 5.86 3.80 -9.11
C THR A 230 5.19 3.52 -7.76
N GLY A 231 4.87 4.59 -7.07
CA GLY A 231 4.21 4.56 -5.78
C GLY A 231 3.69 5.94 -5.42
N HIS A 232 2.75 6.00 -4.48
CA HIS A 232 2.23 7.28 -4.00
C HIS A 232 3.17 7.82 -2.93
N ASP A 233 4.00 6.93 -2.40
CA ASP A 233 4.99 7.26 -1.38
C ASP A 233 6.11 6.27 -1.35
N VAL A 234 7.05 6.44 -0.40
CA VAL A 234 8.19 5.57 -0.15
C VAL A 234 8.15 5.15 1.33
N ASP A 235 8.23 3.85 1.59
CA ASP A 235 8.22 3.30 2.95
C ASP A 235 9.54 2.70 3.32
N PHE A 236 9.93 2.87 4.58
CA PHE A 236 11.17 2.37 5.17
C PHE A 236 10.91 1.74 6.51
N LEU A 237 11.70 0.69 6.75
CA LEU A 237 11.74 0.01 8.03
C LEU A 237 13.16 0.20 8.54
N ILE A 238 13.25 0.75 9.74
CA ILE A 238 14.52 1.04 10.40
C ILE A 238 14.61 0.16 11.63
N THR A 239 15.73 -0.52 11.79
CA THR A 239 15.98 -1.36 12.95
C THR A 239 17.44 -1.25 13.36
N SER A 240 17.73 -1.46 14.64
CA SER A 240 19.10 -1.40 15.12
C SER A 240 19.42 -2.57 16.05
N PRO A 241 20.44 -3.40 15.72
CA PRO A 241 20.79 -4.52 16.62
C PRO A 241 21.28 -4.12 18.02
N GLU A 242 21.85 -2.90 18.19
CA GLU A 242 22.39 -2.48 19.49
C GLU A 242 21.67 -1.37 20.28
N ALA A 243 20.74 -0.64 19.64
CA ALA A 243 19.98 0.45 20.28
C ALA A 243 19.22 0.00 21.51
N THR A 244 19.17 0.86 22.54
CA THR A 244 18.39 0.62 23.76
C THR A 244 16.93 0.97 23.43
N GLU A 245 16.00 0.70 24.35
CA GLU A 245 14.57 1.02 24.22
C GLU A 245 14.35 2.53 24.03
N ASP A 246 15.17 3.38 24.68
CA ASP A 246 15.14 4.84 24.66
C ASP A 246 15.70 5.42 23.36
N GLU A 247 16.85 4.89 22.88
CA GLU A 247 17.50 5.33 21.64
C GLU A 247 16.57 5.07 20.47
N GLU A 248 15.86 3.94 20.52
CA GLU A 248 14.92 3.55 19.49
C GLU A 248 13.62 4.37 19.55
N GLN A 249 13.29 4.94 20.73
CA GLN A 249 12.13 5.80 20.88
C GLN A 249 12.48 7.21 20.36
N GLN A 250 13.73 7.63 20.61
CA GLN A 250 14.20 8.94 20.22
C GLN A 250 14.57 9.14 18.75
N LEU A 251 14.94 8.06 18.04
CA LEU A 251 15.43 8.15 16.66
C LEU A 251 14.59 8.96 15.69
N LEU A 252 13.29 8.67 15.58
CA LEU A 252 12.45 9.40 14.63
C LEU A 252 12.37 10.90 14.94
N HIS A 253 12.45 11.27 16.24
CA HIS A 253 12.47 12.67 16.67
C HIS A 253 13.79 13.35 16.28
N LYS A 254 14.92 12.63 16.40
CA LYS A 254 16.26 13.10 16.05
C LYS A 254 16.40 13.36 14.55
N VAL A 255 15.91 12.42 13.73
CA VAL A 255 15.96 12.44 12.27
C VAL A 255 15.11 13.58 11.69
N THR A 256 13.88 13.76 12.20
CA THR A 256 12.95 14.80 11.75
C THR A 256 13.45 16.21 12.14
N ASP A 257 14.09 16.35 13.33
CA ASP A 257 14.69 17.62 13.79
C ASP A 257 15.88 17.96 12.88
N PHE A 258 16.71 16.94 12.56
CA PHE A 258 17.85 17.08 11.66
C PHE A 258 17.38 17.59 10.28
N TRP A 259 16.28 17.01 9.74
CA TRP A 259 15.71 17.47 8.47
C TRP A 259 15.10 18.89 8.52
N LYS A 260 14.47 19.26 9.67
CA LYS A 260 13.90 20.58 9.91
C LYS A 260 15.01 21.67 9.86
N GLN A 261 16.17 21.39 10.50
CA GLN A 261 17.37 22.24 10.53
C GLN A 261 17.93 22.48 9.13
N GLN A 262 17.87 21.46 8.26
CA GLN A 262 18.35 21.51 6.89
C GLN A 262 17.36 22.11 5.89
N GLY A 263 16.12 22.35 6.34
CA GLY A 263 15.03 22.88 5.52
C GLY A 263 14.44 21.86 4.56
N LEU A 264 14.46 20.57 4.96
CA LEU A 264 13.95 19.46 4.13
C LEU A 264 12.58 18.93 4.58
N LEU A 265 12.22 19.18 5.83
CA LEU A 265 10.97 18.68 6.34
C LEU A 265 9.89 19.66 5.91
N LEU A 266 8.98 19.17 5.06
CA LEU A 266 7.81 19.95 4.63
C LEU A 266 6.59 19.65 5.50
N TYR A 267 6.50 18.40 5.97
CA TYR A 267 5.42 17.96 6.84
C TYR A 267 5.91 16.81 7.73
N CYS A 268 5.43 16.77 8.98
CA CYS A 268 5.77 15.71 9.92
C CYS A 268 4.66 15.39 10.92
N ASP A 269 4.38 14.09 11.10
CA ASP A 269 3.43 13.57 12.08
C ASP A 269 4.02 12.27 12.67
N ILE A 270 4.46 12.29 13.94
CA ILE A 270 5.07 11.12 14.61
C ILE A 270 4.05 10.39 15.49
N HIS A 290 1.10 0.85 15.70
CA HIS A 290 1.56 -0.28 16.49
C HIS A 290 3.04 -0.07 16.94
N PHE A 291 3.99 -0.09 15.99
CA PHE A 291 5.39 0.30 16.23
C PHE A 291 5.44 1.84 16.15
N GLN A 292 6.55 2.44 16.57
CA GLN A 292 6.73 3.88 16.42
C GLN A 292 6.85 4.19 14.92
N LYS A 293 6.10 5.20 14.44
CA LYS A 293 6.12 5.56 13.04
C LYS A 293 5.86 7.05 12.74
N CYS A 294 6.25 7.49 11.55
CA CYS A 294 6.00 8.86 11.13
C CYS A 294 5.64 8.97 9.68
N PHE A 295 4.71 9.88 9.39
CA PHE A 295 4.23 10.18 8.05
C PHE A 295 4.81 11.54 7.72
N LEU A 296 5.66 11.59 6.71
CA LEU A 296 6.37 12.82 6.34
C LEU A 296 6.17 13.21 4.92
N ILE A 297 6.49 14.48 4.64
CA ILE A 297 6.67 15.06 3.31
C ILE A 297 8.09 15.64 3.35
N LEU A 298 8.98 15.11 2.50
CA LEU A 298 10.36 15.56 2.39
C LEU A 298 10.62 16.37 1.14
N LYS A 299 11.55 17.34 1.22
CA LYS A 299 11.99 18.13 0.08
C LYS A 299 13.15 17.35 -0.56
N LEU A 300 12.91 16.84 -1.77
CA LEU A 300 13.94 16.10 -2.47
C LEU A 300 14.50 16.95 -3.59
N ASP A 301 15.80 17.21 -3.49
CA ASP A 301 16.53 17.97 -4.52
C ASP A 301 16.72 17.06 -5.74
N HIS A 302 16.27 17.44 -6.92
N HIS A 302 16.31 17.50 -6.91
CA HIS A 302 16.37 16.56 -8.08
CA HIS A 302 16.36 16.73 -8.12
C HIS A 302 17.80 16.34 -8.53
C HIS A 302 17.78 16.40 -8.55
N GLY A 303 18.75 17.17 -8.10
CA GLY A 303 20.17 16.93 -8.33
C GLY A 303 20.70 15.69 -7.63
N ARG A 304 20.00 15.17 -6.62
CA ARG A 304 20.36 13.94 -5.89
C ARG A 304 19.86 12.67 -6.63
N VAL A 305 19.03 12.85 -7.66
CA VAL A 305 18.35 11.78 -8.40
C VAL A 305 19.21 11.28 -9.58
N HIS A 306 19.51 9.97 -9.65
CA HIS A 306 20.25 9.40 -10.77
C HIS A 306 19.26 8.79 -11.74
N SER A 307 18.85 9.57 -12.72
CA SER A 307 17.89 9.12 -13.73
C SER A 307 18.42 9.47 -15.12
N GLU A 308 17.63 9.12 -16.15
CA GLU A 308 17.94 9.43 -17.55
C GLU A 308 17.73 10.93 -17.80
N LYS A 309 16.72 11.52 -17.11
CA LYS A 309 16.34 12.94 -17.17
C LYS A 309 17.35 13.82 -16.44
N LYS A 316 11.39 24.02 -10.65
CA LYS A 316 11.66 24.29 -9.24
C LYS A 316 12.98 23.70 -8.67
N GLY A 317 13.48 22.63 -9.26
CA GLY A 317 14.73 22.00 -8.82
C GLY A 317 14.59 20.99 -7.71
N TRP A 318 13.37 20.84 -7.19
CA TRP A 318 13.04 19.91 -6.11
C TRP A 318 11.63 19.34 -6.25
N LYS A 319 11.36 18.23 -5.56
CA LYS A 319 10.05 17.62 -5.58
C LYS A 319 9.66 17.21 -4.15
N ALA A 320 8.37 17.43 -3.78
CA ALA A 320 7.81 17.00 -2.49
C ALA A 320 7.50 15.51 -2.61
N ILE A 321 7.98 14.71 -1.64
CA ILE A 321 7.83 13.26 -1.59
C ILE A 321 7.25 12.82 -0.23
N ARG A 322 6.17 12.03 -0.27
CA ARG A 322 5.57 11.43 0.91
C ARG A 322 6.48 10.25 1.32
N VAL A 323 6.90 10.23 2.59
CA VAL A 323 7.80 9.20 3.14
C VAL A 323 7.22 8.66 4.46
N ASP A 324 7.15 7.32 4.58
CA ASP A 324 6.72 6.66 5.83
C ASP A 324 7.88 5.94 6.46
N LEU A 325 8.11 6.18 7.74
CA LEU A 325 9.22 5.56 8.48
C LEU A 325 8.67 4.77 9.62
N VAL A 326 9.14 3.52 9.77
CA VAL A 326 8.75 2.61 10.86
C VAL A 326 10.00 2.17 11.59
N MET A 327 10.02 2.34 12.91
CA MET A 327 11.10 1.88 13.79
C MET A 327 10.59 0.64 14.53
N CYS A 328 11.32 -0.47 14.46
CA CYS A 328 10.90 -1.66 15.19
C CYS A 328 12.03 -2.27 16.01
N PRO A 329 11.72 -3.01 17.09
CA PRO A 329 12.81 -3.68 17.84
C PRO A 329 13.42 -4.73 16.91
N TYR A 330 14.74 -4.91 17.00
CA TYR A 330 15.51 -5.82 16.16
C TYR A 330 14.97 -7.25 16.03
N ASP A 331 14.51 -7.84 17.14
CA ASP A 331 14.00 -9.21 17.17
C ASP A 331 12.68 -9.40 16.41
N ARG A 332 11.95 -8.31 16.14
CA ARG A 332 10.67 -8.35 15.44
C ARG A 332 10.78 -7.88 14.01
N ARG A 333 11.99 -7.72 13.49
CA ARG A 333 12.19 -7.19 12.17
C ARG A 333 11.60 -7.98 11.03
N ALA A 334 11.60 -9.28 11.12
CA ALA A 334 11.04 -10.15 10.08
C ALA A 334 9.53 -9.98 9.95
N PHE A 335 8.82 -9.91 11.08
CA PHE A 335 7.37 -9.73 11.13
C PHE A 335 6.97 -8.35 10.59
N ALA A 336 7.70 -7.31 10.96
CA ALA A 336 7.42 -5.93 10.48
C ALA A 336 7.70 -5.83 8.99
N LEU A 337 8.80 -6.45 8.53
CA LEU A 337 9.18 -6.49 7.11
C LEU A 337 8.09 -7.15 6.27
N LEU A 338 7.57 -8.29 6.74
CA LEU A 338 6.50 -9.06 6.12
C LEU A 338 5.23 -8.24 6.04
N GLY A 339 4.87 -7.57 7.14
CA GLY A 339 3.69 -6.72 7.24
C GLY A 339 3.75 -5.50 6.35
N TRP A 340 4.87 -4.75 6.38
CA TRP A 340 5.10 -3.55 5.56
C TRP A 340 5.43 -3.77 4.09
N THR A 341 5.76 -5.00 3.69
CA THR A 341 6.02 -5.28 2.27
C THR A 341 4.68 -5.40 1.53
N GLY A 342 3.65 -5.93 2.20
CA GLY A 342 2.35 -6.17 1.57
C GLY A 342 2.38 -7.27 0.51
N SER A 343 1.45 -7.25 -0.49
CA SER A 343 0.37 -6.27 -0.64
C SER A 343 -0.69 -6.45 0.45
N ARG A 344 -1.67 -5.53 0.52
CA ARG A 344 -2.75 -5.62 1.51
C ARG A 344 -3.51 -6.96 1.46
N GLN A 345 -3.83 -7.45 0.25
CA GLN A 345 -4.50 -8.74 0.04
C GLN A 345 -3.61 -9.92 0.43
N PHE A 346 -2.32 -9.85 0.13
CA PHE A 346 -1.37 -10.91 0.49
C PHE A 346 -1.34 -11.04 2.05
N GLU A 347 -1.25 -9.90 2.77
CA GLU A 347 -1.21 -9.83 4.22
C GLU A 347 -2.51 -10.37 4.82
N ARG A 348 -3.68 -10.01 4.23
CA ARG A 348 -4.98 -10.49 4.64
C ARG A 348 -5.09 -12.00 4.55
N ASP A 349 -4.67 -12.57 3.44
CA ASP A 349 -4.67 -14.00 3.24
C ASP A 349 -3.71 -14.82 4.11
N LEU A 350 -2.53 -14.30 4.34
CA LEU A 350 -1.51 -14.85 5.25
C LEU A 350 -2.08 -14.99 6.65
N ARG A 351 -2.77 -13.94 7.16
CA ARG A 351 -3.38 -13.94 8.50
C ARG A 351 -4.58 -14.87 8.59
N ARG A 352 -5.40 -14.94 7.53
CA ARG A 352 -6.57 -15.82 7.37
C ARG A 352 -6.10 -17.29 7.33
N TYR A 353 -5.06 -17.59 6.52
CA TYR A 353 -4.47 -18.92 6.44
C TYR A 353 -3.93 -19.32 7.82
N ALA A 354 -3.14 -18.45 8.47
CA ALA A 354 -2.58 -18.72 9.80
C ALA A 354 -3.68 -19.07 10.84
N THR A 355 -4.81 -18.33 10.82
CA THR A 355 -5.94 -18.55 11.72
C THR A 355 -6.70 -19.83 11.37
N HIS A 356 -7.26 -19.92 10.16
CA HIS A 356 -8.08 -21.05 9.75
C HIS A 356 -7.37 -22.38 9.45
N GLU A 357 -6.13 -22.35 8.97
CA GLU A 357 -5.42 -23.58 8.61
C GLU A 357 -4.42 -24.07 9.68
N ARG A 358 -3.82 -23.14 10.45
CA ARG A 358 -2.79 -23.48 11.43
C ARG A 358 -3.07 -23.14 12.89
N LYS A 359 -4.20 -22.45 13.19
CA LYS A 359 -4.56 -21.99 14.56
C LYS A 359 -3.42 -21.14 15.14
N MET A 360 -2.88 -20.29 14.28
CA MET A 360 -1.79 -19.38 14.61
C MET A 360 -2.31 -17.95 14.45
N MET A 361 -1.71 -17.01 15.20
CA MET A 361 -2.08 -15.61 15.18
C MET A 361 -0.86 -14.86 14.69
N LEU A 362 -1.00 -14.25 13.50
CA LEU A 362 0.09 -13.51 12.90
C LEU A 362 -0.30 -12.05 12.71
N ASP A 363 0.65 -11.15 13.01
CA ASP A 363 0.53 -9.71 12.80
C ASP A 363 1.94 -9.15 12.52
N ASN A 364 2.09 -7.81 12.54
CA ASN A 364 3.36 -7.13 12.22
C ASN A 364 4.41 -7.26 13.28
N HIS A 365 4.03 -7.76 14.47
CA HIS A 365 4.94 -7.84 15.60
C HIS A 365 5.37 -9.22 15.97
N ALA A 366 4.53 -10.25 15.71
CA ALA A 366 4.82 -11.60 16.15
C ALA A 366 3.96 -12.67 15.47
N LEU A 367 4.29 -13.93 15.77
CA LEU A 367 3.55 -15.12 15.33
C LEU A 367 3.35 -15.95 16.57
N TYR A 368 2.08 -16.19 16.93
CA TYR A 368 1.74 -16.95 18.12
C TYR A 368 1.03 -18.24 17.76
N ASP A 369 1.51 -19.36 18.32
CA ASP A 369 0.92 -20.68 18.11
C ASP A 369 -0.05 -20.96 19.28
N ARG A 370 -1.36 -20.91 19.01
CA ARG A 370 -2.42 -21.11 20.01
C ARG A 370 -2.47 -22.53 20.58
N THR A 371 -2.01 -23.54 19.85
CA THR A 371 -2.00 -24.93 20.31
C THR A 371 -0.84 -25.16 21.28
N LYS A 372 0.38 -24.78 20.87
CA LYS A 372 1.57 -24.93 21.69
C LYS A 372 1.65 -23.84 22.78
N ARG A 373 0.79 -22.79 22.68
CA ARG A 373 0.74 -21.65 23.59
C ARG A 373 2.12 -20.99 23.68
N VAL A 374 2.74 -20.77 22.52
CA VAL A 374 4.10 -20.27 22.41
C VAL A 374 4.27 -19.31 21.23
N PHE A 375 5.09 -18.26 21.42
CA PHE A 375 5.44 -17.32 20.34
C PHE A 375 6.56 -17.98 19.55
N LEU A 376 6.48 -17.90 18.23
CA LEU A 376 7.48 -18.48 17.33
C LEU A 376 8.40 -17.38 16.85
N GLU A 377 9.72 -17.60 17.01
CA GLU A 377 10.78 -16.66 16.67
C GLU A 377 11.23 -16.85 15.23
N ALA A 378 11.65 -15.75 14.60
CA ALA A 378 12.10 -15.75 13.22
C ALA A 378 13.07 -14.64 12.96
N GLU A 379 14.19 -14.95 12.33
CA GLU A 379 15.19 -13.92 12.00
C GLU A 379 15.01 -13.50 10.54
N SER A 380 14.10 -14.16 9.80
CA SER A 380 13.84 -13.86 8.40
C SER A 380 12.40 -14.18 8.02
N GLU A 381 11.95 -13.66 6.86
CA GLU A 381 10.60 -13.90 6.33
C GLU A 381 10.44 -15.40 6.01
N GLU A 382 11.55 -16.00 5.50
CA GLU A 382 11.66 -17.43 5.17
C GLU A 382 11.27 -18.30 6.38
N GLU A 383 11.77 -17.94 7.58
CA GLU A 383 11.41 -18.68 8.81
C GLU A 383 9.94 -18.54 9.20
N ILE A 384 9.31 -17.38 8.89
CA ILE A 384 7.89 -17.20 9.16
C ILE A 384 7.09 -18.17 8.28
N PHE A 385 7.38 -18.19 6.96
CA PHE A 385 6.72 -19.08 5.99
C PHE A 385 6.85 -20.54 6.40
N ALA A 386 8.06 -20.93 6.84
CA ALA A 386 8.37 -22.27 7.32
C ALA A 386 7.56 -22.65 8.57
N HIS A 387 7.40 -21.72 9.54
CA HIS A 387 6.58 -21.93 10.76
C HIS A 387 5.12 -22.15 10.38
N LEU A 388 4.66 -21.50 9.31
CA LEU A 388 3.31 -21.59 8.78
C LEU A 388 3.08 -22.78 7.87
N GLY A 389 4.14 -23.51 7.52
CA GLY A 389 4.05 -24.66 6.62
C GLY A 389 3.80 -24.25 5.18
N LEU A 390 4.26 -23.02 4.80
CA LEU A 390 4.10 -22.47 3.45
C LEU A 390 5.40 -22.45 2.65
N ASP A 391 5.32 -22.68 1.34
CA ASP A 391 6.50 -22.50 0.49
C ASP A 391 6.72 -21.00 0.42
N TYR A 392 7.98 -20.61 0.48
CA TYR A 392 8.37 -19.21 0.46
C TYR A 392 7.93 -18.46 -0.80
N ILE A 393 7.33 -17.29 -0.59
CA ILE A 393 6.86 -16.40 -1.65
C ILE A 393 7.75 -15.17 -1.58
N GLU A 394 8.49 -14.92 -2.65
CA GLU A 394 9.40 -13.79 -2.78
C GLU A 394 8.62 -12.47 -2.77
N PRO A 395 9.20 -11.33 -2.29
CA PRO A 395 8.45 -10.06 -2.26
C PRO A 395 7.75 -9.63 -3.56
N TRP A 396 8.39 -9.83 -4.72
CA TRP A 396 7.85 -9.49 -6.04
C TRP A 396 6.76 -10.45 -6.50
N GLU A 397 6.55 -11.53 -5.75
CA GLU A 397 5.50 -12.55 -5.98
C GLU A 397 4.31 -12.34 -5.00
N ARG A 398 4.30 -11.23 -4.24
CA ARG A 398 3.27 -10.89 -3.25
C ARG A 398 2.34 -9.79 -3.74
N ASN A 399 2.28 -9.57 -5.05
CA ASN A 399 1.44 -8.52 -5.62
C ASN A 399 -0.02 -8.94 -5.78
N ALA A 400 -0.56 -9.61 -4.77
CA ALA A 400 -1.93 -10.13 -4.76
C ALA A 400 -2.98 -9.00 -4.82
PA AP5 B . -2.22 2.61 -6.15
O1A AP5 B . -3.32 3.71 -6.20
O2A AP5 B . -1.71 2.31 -7.59
O3A AP5 B . -0.91 3.05 -5.26
PB AP5 B . -0.82 3.35 -3.64
O1B AP5 B . -1.31 2.15 -2.80
O2B AP5 B . -1.57 4.62 -3.20
O3B AP5 B . 0.77 3.62 -3.58
PG AP5 B . 1.71 2.75 -2.64
O1G AP5 B . 1.48 1.29 -3.11
O2G AP5 B . 3.09 3.04 -2.94
O3G AP5 B . 1.39 3.23 -1.03
PD AP5 B . 0.62 2.52 0.38
O1D AP5 B . 0.72 3.38 1.61
O2D AP5 B . -0.83 2.45 -0.17
O3D AP5 B . 1.24 1.01 0.80
PE AP5 B . 2.15 -0.09 -0.09
O1E AP5 B . 1.44 -0.90 -1.16
O2E AP5 B . 3.32 0.48 -0.71
O5F AP5 B . -2.76 1.30 -5.33
O5J AP5 B . 2.65 -1.03 1.11
C5J AP5 B . 1.91 -2.19 1.47
C4J AP5 B . 1.87 -2.41 2.99
O4J AP5 B . 2.58 -1.39 3.68
C3J AP5 B . 0.45 -2.66 3.60
O3J AP5 B . 0.22 -4.05 3.96
C2J AP5 B . 0.40 -1.71 4.81
O2J AP5 B . 0.34 -2.36 6.13
C1J AP5 B . 1.70 -0.83 4.64
N9B AP5 B . 1.59 0.71 4.52
C8B AP5 B . 2.28 1.56 3.67
N7B AP5 B . 1.93 2.80 3.94
C5B AP5 B . 1.01 2.82 4.92
C6B AP5 B . 0.25 3.86 5.62
N6B AP5 B . 0.72 5.13 5.66
N1B AP5 B . -0.67 3.48 6.66
C2B AP5 B . -0.88 2.13 7.03
N3B AP5 B . -0.14 1.15 6.35
C4B AP5 B . 0.77 1.48 5.31
ZN ZN C . 3.24 4.15 2.99
ZN ZN D . 24.11 9.16 -11.85
ZN ZN E . 12.03 12.89 -10.83
ZN ZN F . -11.43 -15.65 9.48
ZN ZN G . -20.77 7.47 2.98
ZN ZN H . 0.88 -7.62 17.77
ZN ZN I . -18.23 -3.63 1.12
MG MG J . 3.95 2.80 -0.04
#